data_7JUQ
#
_entry.id   7JUQ
#
_cell.length_a   139.000
_cell.length_b   139.000
_cell.length_c   222.000
_cell.angle_alpha   90.00
_cell.angle_beta   90.00
_cell.angle_gamma   120.00
#
_symmetry.space_group_name_H-M   'P 61 2 2'
#
loop_
_entity.id
_entity.type
_entity.pdbx_description
1 polymer 'Kinase suppressor of Ras 2'
2 polymer 'Dual specificity mitogen-activated protein kinase kinase 1'
3 non-polymer "ADENOSINE-5'-DIPHOSPHATE"
4 non-polymer 'MAGNESIUM ION'
5 water water
#
loop_
_entity_poly.entity_id
_entity_poly.type
_entity_poly.pdbx_seq_one_letter_code
_entity_poly.pdbx_strand_id
1 'polypeptide(L)'
;MSYYHHHHHHDYDIPTTENLYFQGAEMNLSLLSARSFPRKASQTSIFLQEWDIPFEQLEIGELIGKGRFGQVYHGRWHGE
VAIRLIDIERDNEDQLKAFKREVMAYRQTRHENVVLFMGACMSPPHLAIITSLCKGRTLYSVVRDAKIVLDVNKTRQIAQ
EIVKGMGYLHAKGILHKDLKSKNVFYDNGKVVITDFGLFSISGVLQAGRREDKLRIQNGWLCHLAPEIIRQLSPDTEEDK
LPFSKHSDVFALGTIWYELHAREWPFKTQPAEAIIWQMGTGMKPNLSQIGMGKEISDILLFCWAFEQEERPTFTKLMDML
EKLPKRNRRLSHPGHFWKSAEL
;
B
2 'polypeptide(L)'
;MSYYHHHHHHDYDIPTTENLYFQGAKKLEELELDEQQRKRLEAFLTQKQKVGELKDDDFEKISELGAGNGGVVFKVSHKP
SGLVMARKLIHLEIKPAIRNQIIRELQVLHECNSPYIVGFYGAFYSDGEISICMEHMDGGSLDQVLKKAGRIPEQILGKV
SIAVIKGLTYLREKHKIMHRDVKPSNILVNSRGEIKLCDFGVSGQLIDSMANSFVGTRSYMSPERLQGTHYSVQSDIWSM
GLSLVEMAVGRYPIPPPDAKELELMFGCQVEGDAAETPPRPRTPGRPLSSYGMDSRPPMAIFELLDYIVNEPPPKLPSAV
FSLEFQDFVNKCLIKNPAERADLKQLMVHAFIKRSDAEEVDFAGWLCSTIGLNQPSTPTHAAGV
;
C
#
loop_
_chem_comp.id
_chem_comp.type
_chem_comp.name
_chem_comp.formula
ADP non-polymer ADENOSINE-5'-DIPHOSPHATE 'C10 H15 N5 O10 P2'
MG non-polymer 'MAGNESIUM ION' 'Mg 2'
#
# COMPACT_ATOMS: atom_id res chain seq x y z
N THR A 44 33.89 -10.89 -13.48
CA THR A 44 32.96 -9.84 -13.90
C THR A 44 31.84 -10.51 -14.72
N SER A 45 32.03 -11.80 -15.00
CA SER A 45 31.08 -12.57 -15.79
C SER A 45 30.97 -13.96 -15.18
N ILE A 46 29.86 -14.64 -15.47
CA ILE A 46 29.62 -15.99 -15.00
C ILE A 46 29.21 -16.85 -16.18
N PHE A 47 30.07 -17.79 -16.58
CA PHE A 47 29.74 -18.64 -17.70
C PHE A 47 28.98 -19.88 -17.21
N LEU A 48 28.36 -20.58 -18.15
CA LEU A 48 27.56 -21.74 -17.78
C LEU A 48 28.35 -23.03 -17.71
N GLN A 49 29.54 -23.08 -18.30
CA GLN A 49 30.39 -24.25 -18.15
C GLN A 49 31.15 -24.25 -16.82
N GLU A 50 31.06 -23.19 -16.04
CA GLU A 50 31.54 -23.21 -14.66
C GLU A 50 30.77 -24.23 -13.81
N TRP A 51 29.60 -24.67 -14.29
CA TRP A 51 28.63 -25.37 -13.46
C TRP A 51 28.77 -26.88 -13.62
N ASP A 52 28.36 -27.62 -12.59
CA ASP A 52 28.48 -29.07 -12.59
C ASP A 52 27.40 -29.76 -13.42
N ILE A 53 26.29 -29.09 -13.68
CA ILE A 53 25.30 -29.61 -14.62
C ILE A 53 25.83 -29.39 -16.03
N PRO A 54 26.10 -30.46 -16.78
CA PRO A 54 26.59 -30.30 -18.16
C PRO A 54 25.50 -29.66 -19.01
N PHE A 55 25.85 -28.57 -19.68
CA PHE A 55 24.87 -27.74 -20.37
C PHE A 55 25.32 -27.63 -21.82
N GLU A 56 24.48 -28.13 -22.73
CA GLU A 56 24.77 -28.02 -24.16
C GLU A 56 23.91 -26.96 -24.85
N GLN A 57 22.60 -26.99 -24.63
CA GLN A 57 21.69 -26.04 -25.27
C GLN A 57 20.64 -25.62 -24.26
N LEU A 58 20.04 -24.46 -24.47
CA LEU A 58 19.00 -23.96 -23.57
C LEU A 58 17.91 -23.30 -24.41
N GLU A 59 16.72 -23.90 -24.40
CA GLU A 59 15.55 -23.37 -25.09
C GLU A 59 14.68 -22.59 -24.12
N ILE A 60 14.31 -21.37 -24.51
CA ILE A 60 13.44 -20.51 -23.70
C ILE A 60 12.03 -20.59 -24.30
N GLY A 61 11.05 -20.90 -23.46
CA GLY A 61 9.68 -21.03 -23.94
C GLY A 61 8.77 -19.89 -23.55
N GLU A 62 7.55 -20.22 -23.11
CA GLU A 62 6.56 -19.23 -22.76
C GLU A 62 6.83 -18.66 -21.36
N LEU A 63 6.30 -17.47 -21.11
CA LEU A 63 6.34 -16.89 -19.78
C LEU A 63 5.47 -17.70 -18.82
N ILE A 64 6.01 -17.99 -17.64
CA ILE A 64 5.22 -18.74 -16.66
C ILE A 64 4.32 -17.80 -15.87
N GLY A 65 4.82 -16.64 -15.48
CA GLY A 65 3.99 -15.72 -14.73
C GLY A 65 4.65 -14.37 -14.57
N LYS A 66 3.85 -13.41 -14.14
CA LYS A 66 4.33 -12.07 -13.81
C LYS A 66 4.99 -12.07 -12.44
N GLY A 67 5.99 -11.20 -12.30
CA GLY A 67 6.72 -11.14 -11.04
C GLY A 67 7.57 -9.89 -10.92
N ARG A 68 7.77 -9.44 -9.68
CA ARG A 68 8.46 -8.17 -9.48
C ARG A 68 9.94 -8.27 -9.84
N PHE A 69 10.54 -9.45 -9.70
CA PHE A 69 11.98 -9.61 -9.85
C PHE A 69 12.21 -10.46 -11.10
N GLY A 70 12.63 -9.82 -12.18
CA GLY A 70 12.90 -10.51 -13.42
C GLY A 70 11.68 -11.15 -14.04
N GLN A 71 11.88 -11.87 -15.14
CA GLN A 71 10.85 -12.67 -15.79
C GLN A 71 11.19 -14.14 -15.63
N VAL A 72 10.17 -14.98 -15.52
CA VAL A 72 10.35 -16.41 -15.25
C VAL A 72 9.70 -17.18 -16.40
N TYR A 73 10.52 -17.72 -17.28
CA TYR A 73 10.08 -18.46 -18.45
C TYR A 73 10.22 -19.97 -18.25
N HIS A 74 9.35 -20.72 -18.91
CA HIS A 74 9.60 -22.13 -19.13
C HIS A 74 10.86 -22.32 -19.98
N GLY A 75 11.53 -23.44 -19.78
CA GLY A 75 12.72 -23.75 -20.55
C GLY A 75 12.94 -25.24 -20.69
N ARG A 76 13.79 -25.57 -21.66
CA ARG A 76 14.26 -26.93 -21.91
C ARG A 76 15.78 -26.97 -21.81
N TRP A 77 16.29 -27.94 -21.05
CA TRP A 77 17.69 -28.29 -20.95
C TRP A 77 17.95 -29.76 -21.30
N GLY A 79 15.91 -32.47 -19.89
CA GLY A 79 14.72 -32.13 -19.13
C GLY A 79 14.33 -30.66 -19.19
N GLU A 80 13.04 -30.40 -19.00
CA GLU A 80 12.55 -29.04 -18.91
C GLU A 80 12.95 -28.38 -17.59
N VAL A 81 13.09 -27.05 -17.62
CA VAL A 81 13.74 -26.27 -16.56
C VAL A 81 13.05 -24.91 -16.49
N ALA A 82 13.30 -24.17 -15.40
CA ALA A 82 12.72 -22.84 -15.19
C ALA A 82 13.82 -21.78 -15.19
N ILE A 83 13.71 -20.84 -16.12
CA ILE A 83 14.71 -19.80 -16.37
C ILE A 83 14.15 -18.45 -15.93
N ARG A 84 14.92 -17.73 -15.10
CA ARG A 84 14.55 -16.40 -14.62
C ARG A 84 15.54 -15.38 -15.17
N LEU A 85 15.10 -14.57 -16.13
CA LEU A 85 15.95 -13.54 -16.74
C LEU A 85 15.77 -12.21 -15.98
N ILE A 86 16.89 -11.67 -15.49
CA ILE A 86 16.91 -10.38 -14.80
C ILE A 86 17.87 -9.46 -15.52
N ASP A 87 17.66 -8.14 -15.41
CA ASP A 87 18.61 -7.21 -15.99
C ASP A 87 19.12 -6.29 -14.90
N ILE A 88 20.43 -6.08 -14.89
CA ILE A 88 21.15 -5.12 -14.07
C ILE A 88 21.91 -4.22 -15.02
N GLU A 89 21.97 -2.93 -14.76
CA GLU A 89 22.67 -2.05 -15.70
C GLU A 89 24.18 -2.37 -15.73
N ARG A 90 24.88 -2.27 -14.59
CA ARG A 90 26.33 -2.31 -14.31
C ARG A 90 26.73 -1.40 -13.17
N ASP A 91 25.89 -0.45 -12.77
CA ASP A 91 26.28 0.36 -11.62
C ASP A 91 26.33 -0.52 -10.38
N ASN A 92 27.09 -0.06 -9.38
CA ASN A 92 27.34 -0.80 -8.14
C ASN A 92 27.95 -2.17 -8.47
N GLU A 93 28.95 -2.16 -9.36
CA GLU A 93 29.53 -3.36 -9.95
C GLU A 93 30.23 -4.20 -8.89
N ASP A 94 30.55 -3.60 -7.75
CA ASP A 94 31.01 -4.37 -6.60
C ASP A 94 29.86 -5.17 -5.99
N GLN A 95 28.61 -4.71 -6.13
CA GLN A 95 27.51 -5.56 -5.70
C GLN A 95 27.35 -6.80 -6.57
N LEU A 96 27.63 -6.72 -7.87
CA LEU A 96 27.49 -7.92 -8.70
C LEU A 96 28.56 -8.95 -8.37
N LYS A 97 29.78 -8.48 -8.09
CA LYS A 97 30.83 -9.38 -7.60
C LYS A 97 30.42 -10.04 -6.28
N ALA A 98 29.80 -9.30 -5.37
CA ALA A 98 29.32 -9.95 -4.15
C ALA A 98 28.21 -10.94 -4.48
N PHE A 99 27.30 -10.53 -5.37
CA PHE A 99 26.28 -11.43 -5.90
C PHE A 99 26.89 -12.68 -6.50
N LYS A 100 27.96 -12.52 -7.29
CA LYS A 100 28.62 -13.65 -7.90
C LYS A 100 29.08 -14.67 -6.86
N ARG A 101 29.68 -14.20 -5.78
CA ARG A 101 30.16 -15.14 -4.77
C ARG A 101 29.02 -15.81 -4.02
N GLU A 102 27.92 -15.09 -3.77
CA GLU A 102 26.75 -15.72 -3.17
C GLU A 102 26.13 -16.75 -4.10
N VAL A 103 26.15 -16.51 -5.41
CA VAL A 103 25.63 -17.49 -6.37
C VAL A 103 26.48 -18.75 -6.33
N MET A 104 27.80 -18.59 -6.41
CA MET A 104 28.69 -19.75 -6.33
C MET A 104 28.48 -20.51 -5.03
N ALA A 105 28.09 -19.80 -3.97
CA ALA A 105 27.63 -20.45 -2.75
C ALA A 105 26.45 -21.37 -3.04
N TYR A 106 25.47 -20.89 -3.82
CA TYR A 106 24.30 -21.70 -4.16
C TYR A 106 24.72 -23.00 -4.83
N ARG A 107 25.85 -23.00 -5.54
CA ARG A 107 26.28 -24.17 -6.29
C ARG A 107 26.37 -25.41 -5.42
N GLN A 108 26.71 -25.24 -4.14
CA GLN A 108 26.95 -26.36 -3.24
C GLN A 108 25.68 -26.84 -2.55
N THR A 109 24.51 -26.44 -3.02
CA THR A 109 23.25 -26.79 -2.37
C THR A 109 22.58 -27.94 -3.13
N ARG A 110 22.06 -28.89 -2.35
CA ARG A 110 21.23 -29.96 -2.90
C ARG A 110 20.43 -30.58 -1.76
N HIS A 111 19.10 -30.54 -1.85
CA HIS A 111 18.24 -30.99 -0.77
C HIS A 111 16.83 -31.18 -1.28
N GLU A 112 16.22 -32.31 -0.90
CA GLU A 112 14.92 -32.73 -1.44
C GLU A 112 13.83 -31.69 -1.23
N ASN A 113 13.96 -30.81 -0.24
CA ASN A 113 12.95 -29.82 0.09
C ASN A 113 13.33 -28.43 -0.38
N VAL A 114 14.31 -28.35 -1.28
CA VAL A 114 14.87 -27.09 -1.75
C VAL A 114 15.01 -27.18 -3.27
N VAL A 115 14.39 -26.24 -3.99
CA VAL A 115 14.43 -26.31 -5.45
C VAL A 115 15.86 -26.41 -5.92
N LEU A 116 16.07 -27.22 -6.95
CA LEU A 116 17.42 -27.54 -7.40
C LEU A 116 17.95 -26.36 -8.19
N PHE A 117 18.93 -25.65 -7.62
CA PHE A 117 19.62 -24.61 -8.37
C PHE A 117 20.52 -25.31 -9.39
N MET A 118 20.31 -25.03 -10.67
CA MET A 118 21.04 -25.74 -11.72
C MET A 118 22.13 -24.91 -12.39
N GLY A 119 21.94 -23.61 -12.53
CA GLY A 119 22.99 -22.80 -13.12
C GLY A 119 22.60 -21.34 -13.18
N ALA A 120 23.59 -20.52 -13.50
CA ALA A 120 23.43 -19.09 -13.69
C ALA A 120 24.49 -18.60 -14.66
N CYS A 121 24.08 -17.81 -15.65
CA CYS A 121 24.98 -17.16 -16.58
C CYS A 121 24.74 -15.66 -16.52
N MET A 122 25.82 -14.88 -16.43
CA MET A 122 25.76 -13.44 -16.34
C MET A 122 26.56 -12.80 -17.48
N SER A 123 25.84 -12.18 -18.41
CA SER A 123 26.42 -11.37 -19.48
C SER A 123 25.81 -9.99 -19.35
N PRO A 124 26.33 -9.14 -18.44
CA PRO A 124 25.70 -7.85 -18.16
C PRO A 124 25.47 -7.07 -19.44
N PRO A 125 24.28 -6.48 -19.61
CA PRO A 125 23.24 -6.16 -18.64
C PRO A 125 22.30 -7.32 -18.31
N HIS A 126 22.55 -8.53 -18.81
CA HIS A 126 21.58 -9.60 -18.73
C HIS A 126 22.10 -10.72 -17.83
N LEU A 127 21.21 -11.18 -16.94
CA LEU A 127 21.49 -12.24 -15.99
C LEU A 127 20.43 -13.30 -16.16
N ALA A 128 20.77 -14.54 -15.83
CA ALA A 128 19.79 -15.60 -15.87
C ALA A 128 20.06 -16.56 -14.72
N ILE A 129 19.02 -16.90 -13.97
CA ILE A 129 19.11 -17.88 -12.91
C ILE A 129 18.23 -19.04 -13.30
N ILE A 130 18.83 -20.23 -13.38
CA ILE A 130 18.16 -21.41 -13.91
C ILE A 130 18.04 -22.41 -12.78
N THR A 131 16.81 -22.74 -12.42
CA THR A 131 16.52 -23.73 -11.40
C THR A 131 15.62 -24.79 -11.99
N SER A 132 15.49 -25.92 -11.29
CA SER A 132 14.54 -26.93 -11.71
C SER A 132 13.14 -26.35 -11.79
N LEU A 133 12.31 -26.93 -12.65
CA LEU A 133 10.93 -26.50 -12.78
C LEU A 133 10.06 -27.30 -11.84
N CYS A 134 9.16 -26.59 -11.16
CA CYS A 134 8.31 -27.20 -10.15
C CYS A 134 6.95 -27.54 -10.74
N LYS A 135 6.62 -28.82 -10.76
CA LYS A 135 5.29 -29.20 -11.23
C LYS A 135 4.29 -28.89 -10.12
N GLY A 136 3.02 -28.78 -10.48
CA GLY A 136 2.06 -28.43 -9.47
C GLY A 136 1.73 -26.95 -9.49
N ARG A 137 1.24 -26.47 -8.34
CA ARG A 137 0.97 -25.06 -8.15
C ARG A 137 1.57 -24.63 -6.81
N THR A 138 1.64 -23.30 -6.64
CA THR A 138 2.21 -22.73 -5.43
C THR A 138 1.28 -22.92 -4.24
N LEU A 139 1.89 -23.00 -3.05
CA LEU A 139 1.11 -23.18 -1.82
C LEU A 139 0.09 -22.06 -1.65
N TYR A 140 0.41 -20.85 -2.11
CA TYR A 140 -0.53 -19.75 -2.07
C TYR A 140 -1.84 -20.13 -2.77
N SER A 141 -1.73 -20.73 -3.96
CA SER A 141 -2.92 -21.13 -4.69
C SER A 141 -3.62 -22.30 -4.01
N VAL A 142 -2.85 -23.23 -3.46
CA VAL A 142 -3.44 -24.43 -2.86
C VAL A 142 -4.32 -24.07 -1.66
N VAL A 143 -3.80 -23.27 -0.73
CA VAL A 143 -4.56 -22.97 0.48
C VAL A 143 -5.75 -22.07 0.18
N ARG A 144 -5.73 -21.35 -0.95
CA ARG A 144 -6.85 -20.53 -1.37
C ARG A 144 -7.78 -21.27 -2.34
N ASP A 145 -7.73 -22.59 -2.35
CA ASP A 145 -8.59 -23.41 -3.20
C ASP A 145 -9.64 -24.07 -2.31
N ALA A 146 -10.89 -23.65 -2.49
CA ALA A 146 -11.98 -24.18 -1.68
C ALA A 146 -12.11 -25.70 -1.82
N LYS A 147 -11.77 -26.23 -3.00
CA LYS A 147 -11.94 -27.64 -3.32
C LYS A 147 -10.79 -28.51 -2.80
N ILE A 148 -10.04 -28.04 -1.79
CA ILE A 148 -8.90 -28.77 -1.24
C ILE A 148 -8.96 -28.68 0.28
N VAL A 149 -9.15 -29.82 0.94
CA VAL A 149 -9.18 -29.86 2.40
C VAL A 149 -7.75 -29.78 2.92
N LEU A 150 -7.56 -29.02 4.00
CA LEU A 150 -6.27 -28.90 4.66
C LEU A 150 -6.40 -29.31 6.13
N ASP A 151 -6.53 -30.60 6.40
CA ASP A 151 -6.66 -31.06 7.77
C ASP A 151 -5.42 -30.70 8.58
N VAL A 152 -5.57 -30.74 9.92
CA VAL A 152 -4.49 -30.33 10.82
C VAL A 152 -3.23 -31.15 10.56
N ASN A 153 -3.39 -32.45 10.29
CA ASN A 153 -2.24 -33.31 10.04
C ASN A 153 -1.49 -32.88 8.80
N LYS A 154 -2.22 -32.66 7.70
CA LYS A 154 -1.59 -32.19 6.46
C LYS A 154 -0.80 -30.91 6.70
N THR A 155 -1.36 -29.98 7.47
CA THR A 155 -0.67 -28.72 7.71
C THR A 155 0.58 -28.92 8.57
N ARG A 156 0.49 -29.76 9.59
CA ARG A 156 1.68 -30.17 10.35
C ARG A 156 2.76 -30.68 9.40
N GLN A 157 2.38 -31.50 8.43
CA GLN A 157 3.37 -32.17 7.59
C GLN A 157 4.00 -31.20 6.61
N ILE A 158 3.18 -30.37 5.96
CA ILE A 158 3.70 -29.33 5.06
C ILE A 158 4.68 -28.42 5.81
N ALA A 159 4.30 -27.97 7.00
CA ALA A 159 5.18 -27.13 7.79
C ALA A 159 6.50 -27.83 8.06
N GLN A 160 6.45 -29.11 8.44
CA GLN A 160 7.66 -29.85 8.77
C GLN A 160 8.61 -29.94 7.57
N GLU A 161 8.06 -30.12 6.37
CA GLU A 161 8.89 -30.15 5.17
C GLU A 161 9.61 -28.82 4.96
N ILE A 162 8.87 -27.71 5.04
CA ILE A 162 9.46 -26.39 4.89
C ILE A 162 10.56 -26.17 5.94
N VAL A 163 10.32 -26.65 7.17
CA VAL A 163 11.31 -26.47 8.23
C VAL A 163 12.57 -27.25 7.90
N LYS A 164 12.44 -28.46 7.38
CA LYS A 164 13.61 -29.25 7.01
C LYS A 164 14.45 -28.52 5.97
N GLY A 165 13.80 -28.03 4.91
CA GLY A 165 14.54 -27.31 3.87
C GLY A 165 15.21 -26.05 4.41
N MET A 166 14.51 -25.30 5.25
CA MET A 166 15.08 -24.07 5.79
C MET A 166 16.21 -24.37 6.77
N GLY A 167 16.10 -25.46 7.53
CA GLY A 167 17.20 -25.88 8.38
C GLY A 167 18.44 -26.22 7.58
N TYR A 168 18.27 -26.91 6.44
CA TYR A 168 19.38 -27.16 5.54
C TYR A 168 20.02 -25.85 5.10
N LEU A 169 19.21 -24.91 4.59
CA LEU A 169 19.74 -23.66 4.07
C LEU A 169 20.48 -22.89 5.17
N HIS A 170 19.94 -22.89 6.38
CA HIS A 170 20.60 -22.24 7.50
C HIS A 170 21.95 -22.90 7.77
N ALA A 171 21.98 -24.24 7.83
CA ALA A 171 23.23 -24.95 8.08
C ALA A 171 24.31 -24.56 7.09
N LYS A 172 23.96 -24.44 5.81
CA LYS A 172 24.92 -23.93 4.82
C LYS A 172 25.17 -22.44 4.94
N GLY A 173 24.57 -21.76 5.92
CA GLY A 173 24.78 -20.34 6.09
C GLY A 173 24.05 -19.46 5.11
N ILE A 174 22.90 -19.90 4.61
CA ILE A 174 22.16 -19.20 3.57
C ILE A 174 20.81 -18.78 4.14
N LEU A 175 20.55 -17.47 4.12
CA LEU A 175 19.23 -16.94 4.49
C LEU A 175 18.34 -16.81 3.26
N HIS A 176 17.06 -17.16 3.43
CA HIS A 176 16.11 -17.06 2.33
C HIS A 176 15.78 -15.61 2.04
N LYS A 177 15.41 -14.85 3.07
CA LYS A 177 15.10 -13.42 3.03
C LYS A 177 13.77 -13.09 2.38
N ASP A 178 13.01 -14.10 1.92
CA ASP A 178 11.71 -13.83 1.32
C ASP A 178 10.84 -15.09 1.37
N LEU A 179 10.84 -15.75 2.52
CA LEU A 179 10.00 -16.92 2.73
C LEU A 179 8.52 -16.54 2.68
N LYS A 180 7.76 -17.24 1.85
CA LYS A 180 6.33 -16.98 1.70
C LYS A 180 5.72 -18.12 0.89
N SER A 181 4.38 -18.14 0.86
CA SER A 181 3.66 -19.23 0.23
C SER A 181 3.79 -19.21 -1.29
N LYS A 182 3.96 -18.03 -1.89
CA LYS A 182 4.21 -17.97 -3.33
C LYS A 182 5.58 -18.50 -3.71
N ASN A 183 6.48 -18.71 -2.74
CA ASN A 183 7.81 -19.26 -3.01
C ASN A 183 7.96 -20.66 -2.44
N VAL A 184 6.86 -21.37 -2.25
CA VAL A 184 6.86 -22.79 -1.92
C VAL A 184 5.90 -23.47 -2.88
N PHE A 185 6.30 -24.63 -3.38
CA PHE A 185 5.49 -25.37 -4.34
C PHE A 185 5.07 -26.72 -3.77
N TYR A 186 3.81 -27.07 -3.97
CA TYR A 186 3.23 -28.29 -3.42
C TYR A 186 2.55 -29.03 -4.56
N ASP A 187 3.05 -30.22 -4.88
CA ASP A 187 2.44 -31.11 -5.86
C ASP A 187 2.23 -32.45 -5.17
N ASN A 188 0.97 -32.75 -4.83
CA ASN A 188 0.51 -33.96 -4.14
C ASN A 188 1.53 -34.55 -3.18
N GLY A 189 1.93 -33.77 -2.17
CA GLY A 189 2.81 -34.23 -1.13
C GLY A 189 4.27 -33.83 -1.27
N LYS A 190 4.67 -33.28 -2.41
CA LYS A 190 6.06 -32.89 -2.63
C LYS A 190 6.20 -31.39 -2.38
N VAL A 191 7.03 -31.02 -1.40
CA VAL A 191 7.14 -29.64 -0.95
C VAL A 191 8.56 -29.16 -1.21
N VAL A 192 8.69 -28.06 -1.97
CA VAL A 192 9.98 -27.52 -2.38
C VAL A 192 10.01 -26.02 -2.13
N ILE A 193 11.12 -25.53 -1.61
CA ILE A 193 11.32 -24.10 -1.37
C ILE A 193 11.97 -23.49 -2.60
N THR A 194 11.68 -22.21 -2.89
CA THR A 194 12.07 -21.60 -4.15
C THR A 194 12.56 -20.18 -3.90
N ASP A 195 13.46 -19.69 -4.76
CA ASP A 195 13.85 -18.27 -4.79
C ASP A 195 14.50 -17.80 -3.48
N PHE A 196 15.24 -18.68 -2.82
CA PHE A 196 15.99 -18.26 -1.64
C PHE A 196 17.16 -17.37 -2.05
N GLY A 197 17.42 -16.33 -1.25
CA GLY A 197 18.54 -15.45 -1.50
C GLY A 197 18.31 -14.35 -2.52
N LEU A 198 17.33 -14.51 -3.41
CA LEU A 198 17.15 -13.55 -4.51
C LEU A 198 16.91 -12.13 -3.98
N PHE A 199 16.22 -12.02 -2.84
CA PHE A 199 15.73 -10.72 -2.37
C PHE A 199 16.86 -9.71 -2.22
N SER A 200 18.07 -10.18 -1.89
CA SER A 200 19.21 -9.29 -1.70
C SER A 200 19.50 -8.48 -2.96
N ILE A 201 19.50 -9.13 -4.12
CA ILE A 201 19.89 -8.48 -5.36
C ILE A 201 18.68 -7.93 -6.10
N SER A 202 17.54 -7.83 -5.42
CA SER A 202 16.29 -7.79 -6.16
C SER A 202 15.90 -6.39 -6.63
N GLY A 203 15.93 -5.40 -5.75
CA GLY A 203 15.50 -4.08 -6.17
C GLY A 203 14.02 -3.94 -6.44
N VAL A 204 13.18 -4.72 -5.77
CA VAL A 204 11.73 -4.65 -5.96
C VAL A 204 11.08 -3.43 -5.33
N LEU A 205 11.84 -2.57 -4.67
CA LEU A 205 11.25 -1.38 -4.06
C LEU A 205 11.53 -0.10 -4.84
N GLN A 206 12.67 -0.01 -5.52
CA GLN A 206 13.01 1.11 -6.40
C GLN A 206 13.25 2.38 -5.59
N ARG A 210 8.35 5.51 -6.43
CA ARG A 210 8.00 6.93 -6.38
C ARG A 210 8.88 7.76 -5.47
N GLU A 211 8.78 9.08 -5.65
CA GLU A 211 9.58 10.05 -4.91
C GLU A 211 9.08 10.11 -3.47
N ASP A 212 9.95 9.69 -2.53
CA ASP A 212 9.63 9.75 -1.10
C ASP A 212 8.45 8.85 -0.73
N LYS A 213 8.37 7.67 -1.35
CA LYS A 213 7.23 6.78 -1.11
C LYS A 213 7.63 5.37 -1.50
N LEU A 214 7.62 4.46 -0.53
CA LEU A 214 8.11 3.10 -0.70
C LEU A 214 6.98 2.17 -1.10
N ARG A 215 7.28 1.25 -2.02
CA ARG A 215 6.28 0.34 -2.56
C ARG A 215 6.15 -0.91 -1.69
N ILE A 216 4.92 -1.16 -1.22
CA ILE A 216 4.60 -2.30 -0.36
C ILE A 216 3.71 -3.24 -1.19
N GLN A 217 4.07 -4.52 -1.27
CA GLN A 217 3.15 -5.47 -1.84
C GLN A 217 2.34 -6.16 -0.75
N ASN A 218 1.18 -6.70 -1.15
CA ASN A 218 0.11 -7.01 -0.20
C ASN A 218 0.56 -7.96 0.89
N GLY A 219 1.27 -9.02 0.52
CA GLY A 219 1.64 -10.02 1.52
C GLY A 219 2.95 -9.80 2.21
N TRP A 220 3.72 -8.81 1.77
CA TRP A 220 5.10 -8.67 2.22
C TRP A 220 5.18 -8.33 3.70
N LEU A 221 4.50 -7.25 4.11
CA LEU A 221 4.63 -6.75 5.48
C LEU A 221 4.38 -7.83 6.52
N CYS A 222 3.34 -8.65 6.34
CA CYS A 222 2.96 -9.58 7.39
C CYS A 222 3.95 -10.73 7.54
N HIS A 223 4.93 -10.87 6.63
CA HIS A 223 6.02 -11.82 6.78
C HIS A 223 7.25 -11.23 7.46
N LEU A 224 7.29 -9.91 7.65
CA LEU A 224 8.48 -9.25 8.17
C LEU A 224 8.45 -9.21 9.69
N ALA A 225 9.54 -9.64 10.30
CA ALA A 225 9.68 -9.59 11.74
C ALA A 225 9.80 -8.14 12.20
N PRO A 226 9.48 -7.85 13.47
CA PRO A 226 9.41 -6.44 13.88
C PRO A 226 10.72 -5.69 13.71
N GLU A 227 11.86 -6.36 13.96
CA GLU A 227 13.16 -5.75 13.72
C GLU A 227 13.21 -5.10 12.35
N ILE A 228 12.68 -5.78 11.33
CA ILE A 228 12.74 -5.27 9.97
C ILE A 228 11.72 -4.16 9.75
N ILE A 229 10.49 -4.37 10.26
CA ILE A 229 9.41 -3.42 10.03
C ILE A 229 9.75 -2.05 10.60
N ARG A 230 10.40 -2.03 11.78
CA ARG A 230 10.81 -0.77 12.39
C ARG A 230 11.87 -0.04 11.58
N GLN A 231 12.50 -0.70 10.61
CA GLN A 231 13.54 -0.09 9.79
C GLN A 231 13.00 0.53 8.51
N LEU A 232 11.80 0.14 8.06
CA LEU A 232 11.34 0.51 6.73
C LEU A 232 11.22 2.02 6.59
N SER A 233 11.66 2.52 5.44
CA SER A 233 11.72 3.95 5.14
C SER A 233 11.69 4.11 3.64
N PRO A 234 11.26 5.28 3.13
CA PRO A 234 11.11 5.42 1.67
C PRO A 234 12.41 5.26 0.90
N ASP A 235 13.57 5.43 1.53
CA ASP A 235 14.82 5.10 0.85
C ASP A 235 15.58 3.99 1.59
N THR A 236 14.86 3.02 2.14
CA THR A 236 15.50 1.80 2.61
C THR A 236 15.69 0.85 1.43
N GLU A 237 16.77 0.07 1.48
CA GLU A 237 17.07 -0.83 0.39
C GLU A 237 17.26 -2.24 0.92
N GLU A 238 16.84 -3.20 0.09
CA GLU A 238 16.93 -4.63 0.41
C GLU A 238 18.36 -5.10 0.70
N ASP A 239 19.36 -4.53 0.02
CA ASP A 239 20.73 -5.00 0.26
C ASP A 239 21.13 -4.84 1.72
N LYS A 240 20.67 -3.77 2.38
CA LYS A 240 21.07 -3.48 3.75
C LYS A 240 19.88 -3.44 4.70
N LEU A 241 19.07 -4.49 4.68
CA LEU A 241 18.04 -4.68 5.68
C LEU A 241 18.47 -5.79 6.65
N PRO A 242 18.10 -5.67 7.94
CA PRO A 242 18.61 -6.61 8.95
C PRO A 242 17.91 -7.97 8.93
N PHE A 243 18.08 -8.70 7.83
CA PHE A 243 17.59 -10.06 7.76
C PHE A 243 18.47 -10.98 8.61
N SER A 244 17.89 -12.09 9.05
CA SER A 244 18.56 -13.00 9.96
C SER A 244 17.87 -14.35 9.91
N LYS A 245 18.47 -15.33 10.59
CA LYS A 245 17.79 -16.61 10.77
C LYS A 245 16.48 -16.44 11.52
N HIS A 246 16.46 -15.52 12.49
CA HIS A 246 15.25 -15.27 13.27
C HIS A 246 14.14 -14.69 12.40
N SER A 247 14.50 -13.79 11.47
CA SER A 247 13.50 -13.24 10.57
C SER A 247 12.90 -14.32 9.68
N ASP A 248 13.72 -15.27 9.22
CA ASP A 248 13.20 -16.37 8.44
C ASP A 248 12.22 -17.22 9.27
N VAL A 249 12.55 -17.44 10.54
CA VAL A 249 11.65 -18.17 11.42
C VAL A 249 10.33 -17.41 11.58
N PHE A 250 10.41 -16.09 11.72
CA PHE A 250 9.20 -15.27 11.76
C PHE A 250 8.35 -15.47 10.51
N ALA A 251 9.00 -15.45 9.34
CA ALA A 251 8.25 -15.63 8.09
C ALA A 251 7.56 -16.99 8.05
N LEU A 252 8.24 -18.04 8.52
CA LEU A 252 7.58 -19.34 8.63
C LEU A 252 6.36 -19.25 9.55
N GLY A 253 6.50 -18.53 10.66
CA GLY A 253 5.37 -18.32 11.55
C GLY A 253 4.17 -17.75 10.82
N THR A 254 4.41 -16.76 9.96
CA THR A 254 3.35 -16.20 9.13
C THR A 254 2.71 -17.28 8.27
N ILE A 255 3.54 -18.16 7.70
CA ILE A 255 3.02 -19.25 6.87
C ILE A 255 2.17 -20.19 7.70
N TRP A 256 2.55 -20.42 8.97
CA TRP A 256 1.78 -21.30 9.83
C TRP A 256 0.40 -20.73 10.13
N TYR A 257 0.31 -19.42 10.35
CA TYR A 257 -0.99 -18.76 10.44
C TYR A 257 -1.76 -18.98 9.13
N GLU A 258 -1.10 -18.73 8.00
CA GLU A 258 -1.76 -18.80 6.69
C GLU A 258 -2.30 -20.19 6.41
N LEU A 259 -1.61 -21.22 6.91
CA LEU A 259 -2.04 -22.60 6.64
C LEU A 259 -3.40 -22.88 7.25
N HIS A 260 -3.68 -22.31 8.42
CA HIS A 260 -4.92 -22.60 9.12
C HIS A 260 -6.02 -21.60 8.82
N ALA A 261 -5.69 -20.30 8.77
CA ALA A 261 -6.69 -19.32 8.40
C ALA A 261 -7.01 -19.36 6.92
N ARG A 262 -6.09 -19.88 6.10
CA ARG A 262 -6.20 -19.86 4.64
C ARG A 262 -6.25 -18.44 4.09
N GLU A 263 -5.62 -17.52 4.82
CA GLU A 263 -5.43 -16.15 4.38
C GLU A 263 -4.31 -15.57 5.23
N TRP A 264 -3.75 -14.45 4.77
CA TRP A 264 -2.67 -13.81 5.51
C TRP A 264 -3.20 -13.15 6.78
N PRO A 265 -2.33 -12.97 7.78
CA PRO A 265 -2.71 -12.16 8.93
C PRO A 265 -2.81 -10.69 8.52
N PHE A 266 -3.64 -9.95 9.25
CA PHE A 266 -3.87 -8.53 8.99
C PHE A 266 -4.46 -8.31 7.60
N LYS A 267 -5.27 -9.26 7.13
CA LYS A 267 -5.90 -9.12 5.81
C LYS A 267 -6.74 -7.87 5.73
N THR A 268 -7.48 -7.55 6.80
CA THR A 268 -8.38 -6.40 6.78
C THR A 268 -7.62 -5.09 6.61
N GLN A 269 -6.48 -4.97 7.26
CA GLN A 269 -5.86 -3.70 7.66
C GLN A 269 -4.98 -3.13 6.55
N PRO A 270 -4.83 -1.81 6.53
CA PRO A 270 -3.92 -1.16 5.59
C PRO A 270 -2.47 -1.25 6.05
N ALA A 271 -1.58 -0.81 5.15
CA ALA A 271 -0.15 -1.03 5.36
C ALA A 271 0.36 -0.30 6.59
N GLU A 272 -0.01 0.98 6.74
CA GLU A 272 0.45 1.77 7.88
C GLU A 272 0.00 1.15 9.20
N ALA A 273 -1.25 0.73 9.28
CA ALA A 273 -1.74 0.03 10.47
C ALA A 273 -0.90 -1.21 10.75
N ILE A 274 -0.56 -1.97 9.70
CA ILE A 274 0.22 -3.19 9.88
C ILE A 274 1.61 -2.88 10.39
N ILE A 275 2.26 -1.86 9.82
CA ILE A 275 3.58 -1.46 10.28
C ILE A 275 3.58 -1.15 11.78
N TRP A 276 2.62 -0.33 12.22
CA TRP A 276 2.63 0.06 13.63
C TRP A 276 2.28 -1.11 14.55
N GLN A 277 1.27 -1.90 14.18
CA GLN A 277 0.82 -2.99 15.05
C GLN A 277 1.90 -4.06 15.18
N MET A 278 2.55 -4.40 14.07
CA MET A 278 3.59 -5.41 14.10
C MET A 278 4.87 -4.87 14.77
N GLY A 279 5.14 -3.57 14.58
CA GLY A 279 6.30 -2.98 15.24
C GLY A 279 6.21 -3.00 16.76
N THR A 280 5.04 -2.66 17.31
CA THR A 280 4.86 -2.71 18.76
C THR A 280 4.53 -4.10 19.29
N GLY A 281 4.45 -5.11 18.42
CA GLY A 281 4.40 -6.49 18.86
C GLY A 281 3.02 -7.12 18.90
N MET A 282 2.02 -6.50 18.29
CA MET A 282 0.66 -7.03 18.35
C MET A 282 0.49 -8.09 17.26
N LYS A 283 -0.09 -9.23 17.63
CA LYS A 283 -0.14 -10.35 16.72
C LYS A 283 -1.44 -11.11 16.92
N PRO A 284 -2.03 -11.65 15.86
CA PRO A 284 -3.28 -12.39 15.99
C PRO A 284 -3.05 -13.77 16.59
N ASN A 285 -4.17 -14.45 16.83
CA ASN A 285 -4.20 -15.84 17.26
C ASN A 285 -5.22 -16.58 16.40
N LEU A 286 -5.30 -17.89 16.58
CA LEU A 286 -6.19 -18.72 15.77
C LEU A 286 -7.40 -19.23 16.53
N SER A 287 -7.68 -18.70 17.72
CA SER A 287 -8.79 -19.22 18.51
C SER A 287 -10.13 -18.94 17.84
N GLN A 288 -10.24 -17.81 17.13
CA GLN A 288 -11.55 -17.42 16.58
C GLN A 288 -12.07 -18.43 15.57
N ILE A 289 -11.20 -19.30 15.01
CA ILE A 289 -11.68 -20.42 14.21
C ILE A 289 -11.56 -21.74 14.97
N GLY A 290 -11.33 -21.69 16.28
CA GLY A 290 -11.40 -22.89 17.10
C GLY A 290 -10.18 -23.78 17.06
N MET A 291 -8.99 -23.22 16.86
CA MET A 291 -7.79 -24.04 16.86
C MET A 291 -7.23 -24.18 18.27
N GLY A 292 -6.60 -25.32 18.54
CA GLY A 292 -6.13 -25.62 19.88
C GLY A 292 -4.89 -24.83 20.30
N LYS A 293 -4.65 -24.89 21.62
CA LYS A 293 -3.47 -24.28 22.21
C LYS A 293 -2.17 -24.75 21.57
N GLU A 294 -2.08 -26.04 21.24
CA GLU A 294 -0.81 -26.59 20.75
C GLU A 294 -0.34 -25.87 19.50
N ILE A 295 -1.24 -25.67 18.54
CA ILE A 295 -0.85 -25.08 17.27
C ILE A 295 -0.96 -23.56 17.29
N SER A 296 -1.42 -22.98 18.40
CA SER A 296 -1.29 -21.54 18.58
C SER A 296 0.00 -21.16 19.27
N ASP A 297 0.52 -22.02 20.15
CA ASP A 297 1.83 -21.76 20.74
C ASP A 297 2.90 -21.66 19.66
N ILE A 298 2.71 -22.40 18.55
CA ILE A 298 3.64 -22.31 17.42
C ILE A 298 3.82 -20.86 17.01
N LEU A 299 2.71 -20.15 16.77
CA LEU A 299 2.78 -18.75 16.39
C LEU A 299 3.40 -17.91 17.51
N LEU A 300 2.96 -18.16 18.75
CA LEU A 300 3.48 -17.41 19.90
C LEU A 300 4.99 -17.51 19.99
N PHE A 301 5.55 -18.67 19.67
CA PHE A 301 7.00 -18.85 19.68
C PHE A 301 7.65 -18.20 18.46
N CYS A 302 7.15 -18.52 17.27
CA CYS A 302 7.78 -18.07 16.04
C CYS A 302 7.70 -16.56 15.88
N TRP A 303 6.62 -15.94 16.33
CA TRP A 303 6.40 -14.51 16.17
C TRP A 303 6.92 -13.70 17.35
N ALA A 304 7.60 -14.35 18.31
CA ALA A 304 8.11 -13.67 19.49
C ALA A 304 8.81 -12.36 19.14
N PHE A 305 8.54 -11.33 19.95
CA PHE A 305 9.02 -9.99 19.63
C PHE A 305 10.53 -9.89 19.72
N GLU A 306 11.12 -10.50 20.75
CA GLU A 306 12.58 -10.54 20.92
C GLU A 306 13.15 -11.70 20.12
N GLN A 307 14.12 -11.39 19.24
CA GLN A 307 14.62 -12.38 18.29
C GLN A 307 15.05 -13.68 18.99
N GLU A 308 15.76 -13.55 20.11
CA GLU A 308 16.34 -14.71 20.79
C GLU A 308 15.29 -15.67 21.34
N GLU A 309 14.03 -15.23 21.47
CA GLU A 309 13.00 -16.16 21.91
C GLU A 309 12.48 -17.02 20.78
N ARG A 310 12.86 -16.74 19.54
CA ARG A 310 12.40 -17.58 18.44
C ARG A 310 13.28 -18.82 18.32
N PRO A 311 12.68 -19.98 18.08
CA PRO A 311 13.49 -21.20 17.96
C PRO A 311 14.31 -21.21 16.68
N THR A 312 15.34 -22.05 16.68
CA THR A 312 15.95 -22.44 15.42
C THR A 312 15.02 -23.41 14.70
N PHE A 313 15.35 -23.70 13.44
CA PHE A 313 14.49 -24.59 12.67
C PHE A 313 14.57 -26.02 13.16
N THR A 314 15.70 -26.44 13.72
CA THR A 314 15.78 -27.80 14.26
C THR A 314 14.91 -27.94 15.50
N LYS A 315 14.97 -26.97 16.40
CA LYS A 315 14.07 -26.97 17.56
C LYS A 315 12.61 -26.86 17.12
N LEU A 316 12.34 -26.03 16.10
CA LEU A 316 10.99 -25.90 15.57
C LEU A 316 10.48 -27.22 15.02
N MET A 317 11.35 -27.96 14.32
CA MET A 317 11.00 -29.29 13.84
C MET A 317 10.54 -30.19 14.98
N ASP A 318 11.30 -30.19 16.08
CA ASP A 318 10.88 -30.90 17.29
C ASP A 318 9.46 -30.50 17.69
N MET A 319 9.23 -29.19 17.87
CA MET A 319 7.93 -28.71 18.32
C MET A 319 6.80 -29.19 17.42
N LEU A 320 7.03 -29.23 16.10
CA LEU A 320 5.98 -29.64 15.17
C LEU A 320 5.75 -31.14 15.18
N GLU A 321 6.76 -31.92 15.56
CA GLU A 321 6.60 -33.36 15.67
C GLU A 321 5.58 -33.75 16.73
N LYS A 322 5.38 -32.91 17.74
CA LYS A 322 4.67 -33.31 18.95
C LYS A 322 3.20 -32.89 18.95
N LEU A 323 2.66 -32.48 17.81
CA LEU A 323 1.23 -32.21 17.73
C LEU A 323 0.45 -33.51 17.63
N PRO A 324 -0.84 -33.49 18.00
CA PRO A 324 -1.70 -34.65 17.73
C PRO A 324 -2.01 -34.80 16.25
N LEU B 31 -29.85 21.22 6.11
CA LEU B 31 -28.86 22.26 6.36
C LEU B 31 -28.34 22.88 5.06
N GLU B 32 -28.50 22.17 3.94
CA GLU B 32 -27.80 22.51 2.71
C GLU B 32 -28.80 22.86 1.62
N LEU B 33 -28.60 24.03 1.00
CA LEU B 33 -29.52 24.58 0.00
C LEU B 33 -28.91 25.86 -0.57
N ASP B 34 -29.09 26.07 -1.88
CA ASP B 34 -28.75 27.34 -2.50
C ASP B 34 -29.23 27.33 -3.94
N GLU B 35 -29.33 28.53 -4.52
CA GLU B 35 -29.82 28.69 -5.88
C GLU B 35 -28.70 28.42 -6.89
N GLN B 36 -27.67 29.25 -6.88
CA GLN B 36 -26.60 29.09 -7.86
C GLN B 36 -25.94 27.71 -7.76
N GLN B 37 -25.83 27.16 -6.54
CA GLN B 37 -25.37 25.78 -6.38
C GLN B 37 -26.29 24.74 -7.03
N ARG B 38 -27.61 24.87 -6.87
CA ARG B 38 -28.55 23.99 -7.59
C ARG B 38 -28.32 24.03 -9.10
N LYS B 39 -28.25 25.23 -9.66
CA LYS B 39 -27.96 25.42 -11.08
C LYS B 39 -26.84 24.55 -11.64
N ARG B 40 -25.62 24.67 -11.11
CA ARG B 40 -24.50 24.01 -11.78
C ARG B 40 -24.54 22.50 -11.63
N LEU B 41 -25.12 21.97 -10.55
CA LEU B 41 -25.35 20.52 -10.51
C LEU B 41 -26.16 20.10 -11.74
N GLU B 42 -27.34 20.71 -11.93
CA GLU B 42 -28.15 20.36 -13.09
C GLU B 42 -27.40 20.66 -14.38
N ALA B 43 -26.63 21.75 -14.40
CA ALA B 43 -25.91 22.07 -15.63
C ALA B 43 -24.90 20.97 -15.93
N PHE B 44 -24.34 20.40 -14.85
CA PHE B 44 -23.58 19.16 -14.93
C PHE B 44 -24.44 18.00 -15.41
N LEU B 45 -25.67 17.90 -14.89
CA LEU B 45 -26.53 16.79 -15.25
C LEU B 45 -27.05 16.92 -16.69
N THR B 46 -26.98 18.11 -17.29
CA THR B 46 -27.14 18.21 -18.73
C THR B 46 -25.90 17.68 -19.46
N GLN B 47 -24.71 18.13 -19.05
CA GLN B 47 -23.47 17.61 -19.61
C GLN B 47 -23.32 16.13 -19.33
N LYS B 48 -24.01 15.62 -18.32
CA LYS B 48 -24.00 14.20 -17.98
C LYS B 48 -24.39 13.36 -19.19
N GLN B 49 -25.59 13.60 -19.71
CA GLN B 49 -26.19 12.83 -20.79
C GLN B 49 -25.51 13.05 -22.14
N LYS B 50 -24.62 14.03 -22.24
CA LYS B 50 -23.92 14.31 -23.50
C LYS B 50 -23.03 13.17 -23.94
N VAL B 51 -22.83 12.15 -23.10
CA VAL B 51 -22.27 10.87 -23.53
C VAL B 51 -23.03 9.77 -22.79
N GLY B 52 -23.04 8.59 -23.40
CA GLY B 52 -23.60 7.42 -22.76
C GLY B 52 -22.55 6.37 -22.42
N GLU B 53 -21.61 6.14 -23.32
CA GLU B 53 -20.57 5.15 -23.09
C GLU B 53 -19.21 5.77 -23.35
N LEU B 54 -18.18 5.19 -22.73
CA LEU B 54 -16.83 5.69 -22.79
C LEU B 54 -15.87 4.55 -23.06
N LYS B 55 -14.87 4.80 -23.91
CA LYS B 55 -13.84 3.81 -24.20
C LYS B 55 -12.56 4.54 -24.60
N ASP B 56 -11.44 3.82 -24.49
CA ASP B 56 -10.11 4.42 -24.58
C ASP B 56 -9.96 5.37 -25.76
N ASP B 57 -10.40 4.96 -26.95
CA ASP B 57 -10.11 5.80 -28.11
C ASP B 57 -10.97 7.05 -28.17
N ASP B 58 -11.94 7.21 -27.27
CA ASP B 58 -12.69 8.46 -27.20
C ASP B 58 -11.80 9.60 -26.75
N PHE B 59 -10.67 9.29 -26.14
CA PHE B 59 -9.87 10.22 -25.35
C PHE B 59 -8.57 10.55 -26.06
N GLU B 60 -8.18 11.82 -26.02
CA GLU B 60 -6.88 12.28 -26.50
C GLU B 60 -6.15 12.89 -25.31
N LYS B 61 -4.95 12.37 -25.02
CA LYS B 61 -4.10 12.86 -23.94
C LYS B 61 -3.75 14.34 -24.06
N ILE B 62 -4.23 15.14 -23.10
CA ILE B 62 -3.92 16.56 -23.06
C ILE B 62 -2.65 16.82 -22.25
N SER B 63 -2.63 16.39 -20.99
CA SER B 63 -1.41 16.54 -20.20
C SER B 63 -1.42 15.57 -19.02
N GLU B 64 -0.26 15.47 -18.36
CA GLU B 64 -0.05 14.65 -17.18
C GLU B 64 -0.20 15.50 -15.91
N LEU B 65 -0.98 15.01 -14.96
CA LEU B 65 -1.21 15.73 -13.71
C LEU B 65 -0.21 15.31 -12.65
N VAL B 72 -2.09 6.59 -12.38
CA VAL B 72 -1.73 7.91 -12.89
C VAL B 72 -2.96 8.58 -13.48
N VAL B 73 -3.06 9.90 -13.31
CA VAL B 73 -4.24 10.66 -13.70
C VAL B 73 -3.86 11.64 -14.80
N PHE B 74 -4.69 11.69 -15.84
CA PHE B 74 -4.43 12.50 -17.03
C PHE B 74 -5.57 13.48 -17.27
N LYS B 75 -5.20 14.67 -17.73
CA LYS B 75 -6.17 15.59 -18.34
C LYS B 75 -6.40 15.11 -19.76
N VAL B 76 -7.66 14.89 -20.13
CA VAL B 76 -7.96 14.30 -21.43
C VAL B 76 -9.04 15.08 -22.15
N SER B 77 -8.99 14.99 -23.48
CA SER B 77 -10.02 15.53 -24.36
C SER B 77 -10.90 14.38 -24.83
N HIS B 78 -12.21 14.54 -24.62
CA HIS B 78 -13.19 13.58 -25.10
C HIS B 78 -13.70 14.04 -26.46
N LYS B 79 -13.85 13.09 -27.39
CA LYS B 79 -14.25 13.47 -28.75
C LYS B 79 -15.74 13.26 -29.01
N PRO B 80 -16.36 12.14 -28.60
CA PRO B 80 -17.83 12.06 -28.69
C PRO B 80 -18.53 13.30 -28.14
N SER B 81 -17.93 13.97 -27.16
CA SER B 81 -18.51 15.16 -26.55
C SER B 81 -17.37 16.08 -26.15
N GLY B 82 -17.59 17.38 -26.32
CA GLY B 82 -16.56 18.41 -26.14
C GLY B 82 -16.00 18.53 -24.73
N LEU B 83 -16.59 17.84 -23.76
CA LEU B 83 -16.11 17.93 -22.38
C LEU B 83 -14.65 17.49 -22.24
N VAL B 84 -13.86 18.29 -21.53
CA VAL B 84 -12.53 17.90 -21.09
C VAL B 84 -12.64 17.37 -19.66
N MET B 85 -12.15 16.16 -19.43
CA MET B 85 -12.29 15.48 -18.15
C MET B 85 -10.92 15.09 -17.60
N ALA B 86 -10.92 14.63 -16.36
CA ALA B 86 -9.77 13.94 -15.79
C ALA B 86 -10.06 12.44 -15.76
N ARG B 87 -9.21 11.68 -16.46
CA ARG B 87 -9.29 10.22 -16.54
C ARG B 87 -8.13 9.64 -15.75
N LYS B 88 -8.45 8.95 -14.65
CA LYS B 88 -7.45 8.23 -13.87
C LYS B 88 -7.42 6.75 -14.24
N LEU B 89 -6.22 6.22 -14.47
CA LEU B 89 -6.01 4.83 -14.85
C LEU B 89 -5.29 4.05 -13.76
N ILE B 90 -5.90 2.98 -13.28
CA ILE B 90 -5.33 2.13 -12.24
C ILE B 90 -4.94 0.82 -12.93
N HIS B 91 -3.65 0.51 -12.94
CA HIS B 91 -3.18 -0.72 -13.58
C HIS B 91 -3.53 -1.91 -12.70
N LEU B 92 -4.38 -2.80 -13.22
CA LEU B 92 -4.79 -4.01 -12.52
C LEU B 92 -4.92 -5.17 -13.50
N GLU B 93 -4.34 -6.32 -13.13
CA GLU B 93 -4.46 -7.61 -13.82
C GLU B 93 -5.28 -8.63 -13.02
N ILE B 94 -6.59 -8.71 -13.30
CA ILE B 94 -7.48 -9.62 -12.58
C ILE B 94 -8.53 -10.13 -13.56
N LYS B 95 -9.21 -11.22 -13.17
CA LYS B 95 -10.10 -11.91 -14.08
C LYS B 95 -11.38 -11.12 -14.31
N PRO B 96 -11.99 -11.27 -15.49
CA PRO B 96 -13.21 -10.50 -15.82
C PRO B 96 -14.29 -10.48 -14.76
N ALA B 97 -14.55 -11.59 -14.07
CA ALA B 97 -15.68 -11.61 -13.15
C ALA B 97 -15.50 -10.59 -12.04
N ILE B 98 -14.28 -10.42 -11.54
CA ILE B 98 -14.04 -9.41 -10.52
C ILE B 98 -14.22 -8.02 -11.11
N ARG B 99 -13.68 -7.79 -12.33
CA ARG B 99 -13.83 -6.49 -12.98
C ARG B 99 -15.27 -6.06 -13.09
N ASN B 100 -16.17 -6.98 -13.45
CA ASN B 100 -17.57 -6.57 -13.59
C ASN B 100 -18.17 -6.20 -12.25
N GLN B 101 -17.71 -6.87 -11.18
CA GLN B 101 -18.15 -6.51 -9.83
C GLN B 101 -17.59 -5.14 -9.46
N ILE B 102 -16.33 -4.90 -9.83
CA ILE B 102 -15.71 -3.60 -9.59
C ILE B 102 -16.55 -2.50 -10.20
N ILE B 103 -16.99 -2.71 -11.45
CA ILE B 103 -17.75 -1.66 -12.15
C ILE B 103 -19.07 -1.39 -11.43
N ARG B 104 -19.72 -2.45 -10.91
CA ARG B 104 -20.98 -2.23 -10.21
C ARG B 104 -20.78 -1.44 -8.93
N GLU B 105 -19.69 -1.70 -8.20
CA GLU B 105 -19.36 -0.87 -7.05
C GLU B 105 -19.07 0.59 -7.43
N LEU B 106 -18.29 0.82 -8.50
CA LEU B 106 -18.03 2.20 -8.90
C LEU B 106 -19.25 2.93 -9.46
N GLN B 107 -20.28 2.20 -9.90
CA GLN B 107 -21.45 2.87 -10.46
C GLN B 107 -22.16 3.73 -9.42
N VAL B 108 -21.96 3.45 -8.14
CA VAL B 108 -22.54 4.27 -7.05
C VAL B 108 -22.16 5.73 -7.22
N LEU B 109 -21.01 6.02 -7.83
CA LEU B 109 -20.58 7.40 -7.99
C LEU B 109 -21.55 8.18 -8.86
N HIS B 110 -22.26 7.50 -9.77
CA HIS B 110 -23.32 8.19 -10.51
C HIS B 110 -24.45 8.63 -9.59
N GLU B 111 -24.60 7.99 -8.43
CA GLU B 111 -25.67 8.33 -7.50
C GLU B 111 -25.29 9.45 -6.55
N CYS B 112 -24.08 9.44 -6.00
CA CYS B 112 -23.65 10.51 -5.10
C CYS B 112 -23.25 11.74 -5.93
N ASN B 113 -23.86 12.86 -5.63
CA ASN B 113 -23.57 14.13 -6.29
C ASN B 113 -23.77 15.26 -5.30
N SER B 114 -22.78 16.14 -5.18
CA SER B 114 -22.81 17.21 -4.20
C SER B 114 -21.96 18.37 -4.70
N PRO B 115 -22.31 19.61 -4.35
CA PRO B 115 -21.43 20.74 -4.67
C PRO B 115 -20.07 20.73 -3.99
N TYR B 116 -19.85 19.84 -3.02
CA TYR B 116 -18.57 19.74 -2.33
C TYR B 116 -17.81 18.47 -2.69
N ILE B 117 -18.32 17.70 -3.64
CA ILE B 117 -17.71 16.46 -4.11
C ILE B 117 -17.59 16.50 -5.63
N VAL B 118 -16.39 16.22 -6.14
CA VAL B 118 -16.15 16.20 -7.58
C VAL B 118 -17.15 15.28 -8.29
N GLY B 119 -17.75 15.81 -9.36
CA GLY B 119 -18.69 15.04 -10.15
C GLY B 119 -18.04 13.91 -10.90
N PHE B 120 -18.81 12.84 -11.10
CA PHE B 120 -18.34 11.63 -11.75
C PHE B 120 -19.11 11.44 -13.06
N TYR B 121 -18.39 11.06 -14.12
CA TYR B 121 -18.99 10.80 -15.43
C TYR B 121 -19.10 9.35 -15.81
N GLY B 122 -18.17 8.50 -15.40
CA GLY B 122 -18.27 7.09 -15.71
C GLY B 122 -16.94 6.39 -15.48
N ALA B 123 -17.01 5.07 -15.45
CA ALA B 123 -15.81 4.25 -15.24
C ALA B 123 -15.87 3.06 -16.18
N PHE B 124 -14.84 2.88 -17.00
CA PHE B 124 -14.74 1.74 -17.89
C PHE B 124 -13.44 0.99 -17.65
N TYR B 125 -13.35 -0.21 -18.25
CA TYR B 125 -12.17 -1.06 -18.19
C TYR B 125 -11.61 -1.23 -19.59
N SER B 126 -10.28 -1.19 -19.72
CA SER B 126 -9.67 -1.41 -21.01
C SER B 126 -8.20 -1.79 -20.86
N ASP B 127 -7.82 -2.91 -21.48
CA ASP B 127 -6.43 -3.34 -21.66
C ASP B 127 -5.59 -3.28 -20.37
N GLY B 128 -6.10 -3.88 -19.31
CA GLY B 128 -5.37 -3.89 -18.04
C GLY B 128 -5.40 -2.64 -17.20
N GLU B 129 -6.24 -1.66 -17.52
CA GLU B 129 -6.37 -0.43 -16.73
C GLU B 129 -7.84 -0.12 -16.56
N ILE B 130 -8.25 0.13 -15.32
CA ILE B 130 -9.54 0.71 -15.01
C ILE B 130 -9.43 2.23 -15.11
N SER B 131 -10.32 2.82 -15.88
CA SER B 131 -10.45 4.27 -16.01
C SER B 131 -11.56 4.80 -15.12
N ILE B 132 -11.25 5.85 -14.36
CA ILE B 132 -12.24 6.63 -13.65
C ILE B 132 -12.21 8.05 -14.21
N CYS B 133 -13.32 8.44 -14.84
CA CYS B 133 -13.46 9.75 -15.49
C CYS B 133 -14.27 10.67 -14.59
N MET B 134 -13.70 11.84 -14.26
CA MET B 134 -14.40 12.77 -13.40
C MET B 134 -14.13 14.21 -13.84
N GLU B 135 -14.82 15.13 -13.16
CA GLU B 135 -14.66 16.57 -13.39
C GLU B 135 -13.21 17.01 -13.26
N HIS B 136 -12.75 17.80 -14.24
CA HIS B 136 -11.40 18.35 -14.20
C HIS B 136 -11.42 19.64 -13.39
N MET B 137 -10.55 19.72 -12.39
CA MET B 137 -10.42 20.86 -11.49
C MET B 137 -9.19 21.69 -11.82
N ASP B 138 -9.41 22.92 -12.30
CA ASP B 138 -8.37 23.73 -12.92
C ASP B 138 -7.31 24.19 -11.93
N GLY B 139 -7.54 24.07 -10.62
CA GLY B 139 -6.52 24.38 -9.63
C GLY B 139 -5.68 23.24 -9.12
N GLY B 140 -5.96 22.00 -9.52
CA GLY B 140 -5.26 20.86 -8.96
C GLY B 140 -5.63 20.58 -7.50
N SER B 141 -4.71 19.91 -6.83
CA SER B 141 -4.88 19.52 -5.44
C SER B 141 -4.27 20.54 -4.48
N LEU B 142 -4.76 20.53 -3.24
CA LEU B 142 -4.29 21.46 -2.22
C LEU B 142 -2.83 21.25 -1.84
N ASP B 143 -2.30 20.04 -1.97
CA ASP B 143 -0.88 19.85 -1.75
C ASP B 143 -0.03 20.60 -2.78
N GLN B 144 -0.39 20.50 -4.06
CA GLN B 144 0.39 21.16 -5.09
C GLN B 144 0.20 22.68 -5.08
N VAL B 145 -1.00 23.18 -4.74
CA VAL B 145 -1.13 24.62 -4.55
C VAL B 145 -0.30 25.09 -3.35
N LEU B 146 -0.37 24.35 -2.23
CA LEU B 146 0.47 24.68 -1.08
C LEU B 146 1.94 24.70 -1.47
N LYS B 147 2.36 23.72 -2.27
CA LYS B 147 3.71 23.71 -2.82
C LYS B 147 4.05 25.02 -3.53
N LYS B 148 3.11 25.55 -4.33
CA LYS B 148 3.34 26.81 -5.02
C LYS B 148 3.32 28.00 -4.08
N ALA B 149 2.31 28.10 -3.24
CA ALA B 149 2.21 29.21 -2.29
C ALA B 149 3.07 28.93 -1.07
N GLY B 150 3.30 29.96 -0.26
CA GLY B 150 4.25 29.72 0.81
C GLY B 150 3.48 29.03 1.93
N ARG B 151 2.45 29.71 2.42
CA ARG B 151 1.49 29.19 3.37
C ARG B 151 0.11 29.66 2.93
N ILE B 152 -0.93 28.94 3.34
CA ILE B 152 -2.31 29.31 3.01
C ILE B 152 -2.90 30.05 4.21
N PRO B 153 -3.46 31.24 4.02
CA PRO B 153 -3.94 32.02 5.17
C PRO B 153 -5.20 31.45 5.77
N GLU B 154 -5.44 31.86 7.03
CA GLU B 154 -6.52 31.30 7.84
C GLU B 154 -7.88 31.41 7.17
N GLN B 155 -8.13 32.53 6.48
CA GLN B 155 -9.50 32.82 6.02
C GLN B 155 -9.94 31.87 4.92
N ILE B 156 -9.04 31.53 3.99
CA ILE B 156 -9.32 30.48 3.02
C ILE B 156 -9.52 29.14 3.71
N LEU B 157 -8.63 28.81 4.65
CA LEU B 157 -8.74 27.53 5.34
C LEU B 157 -10.05 27.39 6.10
N GLY B 158 -10.68 28.51 6.48
CA GLY B 158 -12.01 28.42 7.06
C GLY B 158 -13.04 27.92 6.06
N LYS B 159 -13.04 28.50 4.86
CA LYS B 159 -13.95 28.02 3.81
C LYS B 159 -13.64 26.59 3.42
N VAL B 160 -12.37 26.21 3.48
CA VAL B 160 -12.00 24.82 3.19
C VAL B 160 -12.57 23.89 4.24
N SER B 161 -12.48 24.30 5.52
CA SER B 161 -13.05 23.50 6.60
C SER B 161 -14.54 23.27 6.42
N ILE B 162 -15.30 24.34 6.12
CA ILE B 162 -16.74 24.18 5.94
C ILE B 162 -17.04 23.20 4.81
N ALA B 163 -16.36 23.35 3.68
CA ALA B 163 -16.63 22.48 2.54
C ALA B 163 -16.34 21.03 2.85
N VAL B 164 -15.24 20.76 3.56
CA VAL B 164 -14.91 19.38 3.92
C VAL B 164 -15.95 18.81 4.87
N ILE B 165 -16.31 19.59 5.89
CA ILE B 165 -17.30 19.15 6.88
C ILE B 165 -18.62 18.82 6.20
N LYS B 166 -19.08 19.71 5.31
CA LYS B 166 -20.37 19.48 4.68
C LYS B 166 -20.29 18.34 3.66
N GLY B 167 -19.16 18.18 2.98
CA GLY B 167 -19.02 17.03 2.10
C GLY B 167 -19.08 15.72 2.88
N LEU B 168 -18.35 15.65 4.00
CA LEU B 168 -18.35 14.44 4.82
C LEU B 168 -19.71 14.18 5.44
N THR B 169 -20.39 15.24 5.85
CA THR B 169 -21.75 15.12 6.38
C THR B 169 -22.69 14.50 5.35
N TYR B 170 -22.62 15.00 4.10
CA TYR B 170 -23.41 14.43 3.01
C TYR B 170 -23.26 12.91 2.90
N LEU B 171 -22.02 12.42 2.86
CA LEU B 171 -21.82 10.97 2.71
C LEU B 171 -22.33 10.20 3.92
N ARG B 172 -22.13 10.72 5.12
CA ARG B 172 -22.69 10.04 6.29
C ARG B 172 -24.21 10.01 6.24
N GLU B 173 -24.84 11.16 6.01
CA GLU B 173 -26.29 11.23 6.14
C GLU B 173 -27.00 10.59 4.96
N LYS B 174 -26.44 10.68 3.76
CA LYS B 174 -27.14 10.18 2.58
C LYS B 174 -26.69 8.79 2.14
N HIS B 175 -25.43 8.40 2.34
CA HIS B 175 -24.94 7.15 1.77
C HIS B 175 -24.33 6.18 2.78
N LYS B 176 -24.24 6.55 4.06
CA LYS B 176 -23.64 5.70 5.09
C LYS B 176 -22.20 5.31 4.76
N ILE B 177 -21.44 6.21 4.13
CA ILE B 177 -20.08 5.93 3.71
C ILE B 177 -19.15 6.95 4.36
N MET B 178 -18.01 6.46 4.86
CA MET B 178 -16.88 7.30 5.22
C MET B 178 -15.92 7.50 4.06
N HIS B 179 -15.15 8.59 4.13
CA HIS B 179 -14.22 8.92 3.07
C HIS B 179 -13.04 7.96 3.06
N ARG B 180 -12.36 7.83 4.21
CA ARG B 180 -11.27 6.93 4.54
C ARG B 180 -9.90 7.46 4.09
N ASP B 181 -9.83 8.53 3.30
CA ASP B 181 -8.55 8.99 2.78
C ASP B 181 -8.56 10.51 2.60
N VAL B 182 -8.90 11.26 3.65
CA VAL B 182 -8.83 12.71 3.58
C VAL B 182 -7.39 13.17 3.73
N LYS B 183 -6.92 13.97 2.78
CA LYS B 183 -5.59 14.55 2.81
C LYS B 183 -5.53 15.64 1.73
N PRO B 184 -4.52 16.51 1.77
CA PRO B 184 -4.50 17.64 0.83
C PRO B 184 -4.55 17.23 -0.64
N SER B 185 -3.94 16.10 -1.00
CA SER B 185 -3.90 15.67 -2.39
C SER B 185 -5.26 15.26 -2.93
N ASN B 186 -6.26 15.06 -2.07
CA ASN B 186 -7.57 14.62 -2.48
C ASN B 186 -8.64 15.70 -2.28
N ILE B 187 -8.22 16.94 -2.09
CA ILE B 187 -9.11 18.10 -2.07
C ILE B 187 -8.75 18.94 -3.28
N LEU B 188 -9.68 19.07 -4.23
CA LEU B 188 -9.40 19.72 -5.50
C LEU B 188 -10.11 21.07 -5.59
N VAL B 189 -9.52 21.96 -6.39
CA VAL B 189 -9.98 23.33 -6.55
C VAL B 189 -10.01 23.68 -8.03
N ASN B 190 -10.77 24.72 -8.35
CA ASN B 190 -10.89 25.19 -9.73
C ASN B 190 -10.96 26.71 -9.75
N SER B 191 -10.95 27.27 -10.97
CA SER B 191 -10.91 28.71 -11.15
C SER B 191 -12.29 29.36 -10.96
N ARG B 192 -13.36 28.58 -11.05
CA ARG B 192 -14.67 29.06 -10.62
C ARG B 192 -14.72 29.27 -9.12
N GLY B 193 -13.86 28.57 -8.39
CA GLY B 193 -13.73 28.71 -6.94
C GLY B 193 -14.44 27.69 -6.09
N GLU B 194 -14.80 26.53 -6.63
CA GLU B 194 -15.34 25.43 -5.84
C GLU B 194 -14.22 24.53 -5.36
N ILE B 195 -14.43 23.88 -4.22
CA ILE B 195 -13.47 22.95 -3.65
C ILE B 195 -14.20 21.67 -3.23
N LYS B 196 -13.75 20.53 -3.75
CA LYS B 196 -14.51 19.29 -3.63
C LYS B 196 -13.58 18.12 -3.29
N LEU B 197 -14.13 17.17 -2.53
CA LEU B 197 -13.41 15.95 -2.14
C LEU B 197 -13.48 14.85 -3.20
N CYS B 198 -12.37 14.12 -3.34
CA CYS B 198 -12.25 13.01 -4.28
C CYS B 198 -11.70 11.74 -3.63
N ASP B 199 -11.37 10.74 -4.46
CA ASP B 199 -10.64 9.52 -4.08
C ASP B 199 -11.12 8.84 -2.79
N PHE B 200 -12.40 8.89 -2.46
CA PHE B 200 -12.78 8.13 -1.28
C PHE B 200 -13.07 6.67 -1.65
N GLY B 201 -13.09 5.82 -0.62
CA GLY B 201 -13.19 4.37 -0.76
C GLY B 201 -14.56 3.79 -0.99
N VAL B 202 -15.11 3.96 -2.18
CA VAL B 202 -16.44 3.42 -2.45
C VAL B 202 -16.43 1.91 -2.67
N SER B 203 -15.33 1.35 -3.18
CA SER B 203 -15.33 -0.03 -3.64
C SER B 203 -14.37 -0.83 -2.77
N GLY B 204 -14.94 -1.68 -1.90
CA GLY B 204 -14.11 -2.58 -1.12
C GLY B 204 -13.29 -3.53 -1.98
N GLN B 205 -13.87 -4.01 -3.07
CA GLN B 205 -13.14 -4.92 -3.95
C GLN B 205 -11.99 -4.22 -4.68
N LEU B 206 -12.16 -2.96 -5.09
CA LEU B 206 -11.07 -2.29 -5.77
C LEU B 206 -9.88 -2.09 -4.83
N ILE B 207 -10.16 -1.74 -3.58
CA ILE B 207 -9.10 -1.61 -2.58
C ILE B 207 -8.32 -2.92 -2.47
N ASP B 208 -9.03 -4.02 -2.22
CA ASP B 208 -8.41 -5.33 -2.06
C ASP B 208 -7.75 -5.82 -3.35
N SER B 209 -8.37 -5.54 -4.50
CA SER B 209 -7.81 -6.05 -5.76
C SER B 209 -6.49 -5.40 -6.12
N MET B 210 -6.16 -4.25 -5.53
CA MET B 210 -4.90 -3.60 -5.81
C MET B 210 -3.76 -4.42 -5.19
N ALA B 211 -2.76 -4.74 -6.00
CA ALA B 211 -1.68 -5.61 -5.55
C ALA B 211 -0.80 -4.94 -4.50
N ASN B 212 -0.55 -3.64 -4.63
CA ASN B 212 0.52 -3.03 -3.85
C ASN B 212 0.18 -1.60 -3.48
N SER B 213 0.44 -1.25 -2.21
CA SER B 213 0.17 0.08 -1.67
C SER B 213 1.46 0.89 -1.57
N PHE B 214 1.30 2.21 -1.50
CA PHE B 214 2.42 3.15 -1.48
C PHE B 214 2.42 3.99 -0.19
N VAL B 215 3.23 3.61 0.80
CA VAL B 215 3.31 4.34 2.05
C VAL B 215 4.60 5.14 2.07
N GLY B 216 4.47 6.47 2.22
CA GLY B 216 5.63 7.35 2.28
C GLY B 216 5.93 7.91 3.66
N THR B 217 6.29 9.20 3.71
CA THR B 217 6.81 9.81 4.92
C THR B 217 5.77 10.65 5.66
N ARG B 218 4.76 11.14 4.95
CA ARG B 218 3.64 11.83 5.56
C ARG B 218 2.50 10.84 5.71
N SER B 219 1.90 10.78 6.90
CA SER B 219 0.72 9.97 7.15
C SER B 219 -0.40 10.82 7.71
N TYR B 220 -1.60 10.66 7.15
CA TYR B 220 -2.78 11.37 7.61
C TYR B 220 -3.77 10.45 8.29
N MET B 221 -3.34 9.23 8.63
CA MET B 221 -4.19 8.25 9.30
C MET B 221 -4.38 8.61 10.77
N SER B 222 -5.60 8.40 11.26
CA SER B 222 -5.90 8.70 12.65
C SER B 222 -5.25 7.69 13.58
N PRO B 223 -5.01 8.08 14.84
CA PRO B 223 -4.48 7.12 15.82
C PRO B 223 -5.30 5.84 15.94
N GLU B 224 -6.63 5.94 16.08
CA GLU B 224 -7.44 4.74 16.22
C GLU B 224 -7.29 3.81 15.03
N ARG B 225 -7.19 4.36 13.81
CA ARG B 225 -7.04 3.50 12.64
C ARG B 225 -5.69 2.80 12.64
N LEU B 226 -4.64 3.49 13.09
CA LEU B 226 -3.30 2.90 13.11
C LEU B 226 -3.21 1.75 14.10
N GLN B 227 -4.03 1.77 15.15
CA GLN B 227 -4.04 0.67 16.12
C GLN B 227 -5.04 -0.42 15.75
N GLY B 228 -5.69 -0.30 14.60
CA GLY B 228 -6.57 -1.37 14.14
C GLY B 228 -7.85 -1.55 14.92
N THR B 229 -8.37 -0.49 15.53
CA THR B 229 -9.61 -0.60 16.28
C THR B 229 -10.77 -0.04 15.46
N HIS B 230 -11.95 -0.03 16.07
CA HIS B 230 -13.13 0.44 15.34
C HIS B 230 -12.95 1.93 15.04
N TYR B 231 -13.37 2.34 13.85
CA TYR B 231 -13.28 3.75 13.48
C TYR B 231 -14.52 4.19 12.72
N SER B 232 -14.71 5.50 12.69
CA SER B 232 -15.87 6.13 12.08
C SER B 232 -15.40 7.39 11.36
N VAL B 233 -16.34 8.30 11.08
CA VAL B 233 -15.98 9.57 10.46
C VAL B 233 -15.01 10.36 11.32
N GLN B 234 -14.90 10.02 12.62
CA GLN B 234 -13.96 10.69 13.51
C GLN B 234 -12.55 10.63 12.94
N SER B 235 -12.19 9.52 12.30
CA SER B 235 -10.86 9.38 11.71
C SER B 235 -10.69 10.35 10.54
N ASP B 236 -11.75 10.58 9.77
CA ASP B 236 -11.71 11.60 8.73
C ASP B 236 -11.54 13.00 9.32
N ILE B 237 -12.15 13.24 10.49
CA ILE B 237 -12.01 14.54 11.14
C ILE B 237 -10.57 14.76 11.59
N TRP B 238 -9.93 13.74 12.15
CA TRP B 238 -8.50 13.84 12.46
C TRP B 238 -7.70 14.20 11.22
N SER B 239 -7.94 13.49 10.11
CA SER B 239 -7.20 13.75 8.88
C SER B 239 -7.39 15.19 8.41
N MET B 240 -8.61 15.73 8.56
CA MET B 240 -8.83 17.11 8.16
C MET B 240 -8.05 18.07 9.05
N GLY B 241 -8.11 17.86 10.37
CA GLY B 241 -7.37 18.72 11.28
C GLY B 241 -5.88 18.75 10.99
N LEU B 242 -5.27 17.57 10.85
CA LEU B 242 -3.84 17.51 10.58
C LEU B 242 -3.51 18.15 9.24
N SER B 243 -4.35 17.91 8.24
CA SER B 243 -4.15 18.56 6.95
C SER B 243 -4.19 20.09 7.08
N LEU B 244 -5.11 20.61 7.89
CA LEU B 244 -5.25 22.05 8.05
C LEU B 244 -4.02 22.69 8.71
N VAL B 245 -3.49 22.07 9.77
CA VAL B 245 -2.28 22.61 10.37
C VAL B 245 -1.13 22.59 9.37
N GLU B 246 -0.95 21.49 8.65
CA GLU B 246 0.11 21.40 7.64
C GLU B 246 0.04 22.58 6.67
N MET B 247 -1.14 22.84 6.12
CA MET B 247 -1.28 23.91 5.13
C MET B 247 -1.12 25.28 5.76
N ALA B 248 -1.54 25.43 7.02
CA ALA B 248 -1.42 26.73 7.69
C ALA B 248 0.03 27.06 8.01
N VAL B 249 0.83 26.07 8.38
CA VAL B 249 2.20 26.31 8.80
C VAL B 249 3.22 26.02 7.70
N GLY B 250 2.83 25.31 6.65
CA GLY B 250 3.69 25.05 5.53
C GLY B 250 4.55 23.81 5.62
N ARG B 251 4.40 23.01 6.68
CA ARG B 251 5.19 21.80 6.83
C ARG B 251 4.32 20.73 7.46
N TYR B 252 4.50 19.49 7.03
CA TYR B 252 3.91 18.34 7.72
C TYR B 252 4.37 18.36 9.18
N PRO B 253 3.47 18.41 10.15
CA PRO B 253 3.84 18.84 11.50
C PRO B 253 4.33 17.75 12.44
N ILE B 254 4.53 16.53 11.96
CA ILE B 254 5.10 15.47 12.77
C ILE B 254 6.39 15.02 12.08
N PRO B 255 7.55 15.07 12.75
CA PRO B 255 7.68 15.60 14.10
C PRO B 255 7.67 17.12 14.12
N PRO B 256 7.28 17.72 15.24
CA PRO B 256 7.26 19.18 15.34
C PRO B 256 8.63 19.77 15.04
N PRO B 257 8.67 20.91 14.35
CA PRO B 257 9.93 21.63 14.22
C PRO B 257 10.37 22.24 15.54
N ASP B 258 11.67 22.46 15.65
CA ASP B 258 12.26 23.09 16.81
C ASP B 258 12.03 24.60 16.80
N ALA B 259 12.38 25.24 17.92
CA ALA B 259 12.23 26.69 18.07
C ALA B 259 12.78 27.43 16.86
N LYS B 260 14.02 27.12 16.47
CA LYS B 260 14.69 27.89 15.44
C LYS B 260 14.08 27.68 14.06
N GLU B 261 13.37 26.56 13.84
CA GLU B 261 12.72 26.37 12.55
C GLU B 261 11.44 27.19 12.45
N LEU B 262 10.72 27.35 13.57
CA LEU B 262 9.55 28.23 13.54
C LEU B 262 9.96 29.68 13.32
N GLU B 263 11.13 30.07 13.84
CA GLU B 263 11.67 31.40 13.54
C GLU B 263 11.94 31.56 12.04
N LEU B 264 12.67 30.61 11.45
CA LEU B 264 13.00 30.72 10.03
C LEU B 264 11.76 30.76 9.15
N MET B 265 10.66 30.15 9.60
CA MET B 265 9.45 30.12 8.77
C MET B 265 8.77 31.48 8.77
N PHE B 266 8.78 32.17 9.91
CA PHE B 266 8.18 33.49 10.02
C PHE B 266 9.21 34.55 10.37
N PRO B 298 15.37 12.12 8.22
CA PRO B 298 16.03 10.85 8.54
C PRO B 298 15.27 10.05 9.60
N MET B 299 14.01 9.74 9.32
CA MET B 299 13.15 9.06 10.29
C MET B 299 12.41 7.91 9.62
N ALA B 300 12.51 6.73 10.21
CA ALA B 300 11.82 5.55 9.71
C ALA B 300 10.31 5.67 9.88
N ILE B 301 9.58 4.97 9.01
CA ILE B 301 8.12 5.09 8.96
C ILE B 301 7.50 4.73 10.30
N PHE B 302 8.02 3.68 10.95
CA PHE B 302 7.44 3.27 12.23
C PHE B 302 7.65 4.32 13.32
N GLU B 303 8.75 5.07 13.25
CA GLU B 303 8.97 6.11 14.25
C GLU B 303 7.90 7.19 14.13
N LEU B 304 7.51 7.54 12.91
CA LEU B 304 6.46 8.52 12.72
C LEU B 304 5.13 8.00 13.24
N LEU B 305 4.77 6.78 12.86
CA LEU B 305 3.48 6.22 13.24
C LEU B 305 3.36 6.10 14.76
N ASP B 306 4.41 5.63 15.43
CA ASP B 306 4.38 5.53 16.88
C ASP B 306 4.38 6.90 17.53
N TYR B 307 4.98 7.91 16.87
CA TYR B 307 4.87 9.28 17.35
C TYR B 307 3.41 9.73 17.32
N ILE B 308 2.71 9.46 16.22
CA ILE B 308 1.31 9.83 16.08
C ILE B 308 0.47 9.18 17.18
N VAL B 309 0.75 7.91 17.49
CA VAL B 309 -0.06 7.19 18.46
C VAL B 309 0.21 7.65 19.88
N ASN B 310 1.47 7.93 20.22
CA ASN B 310 1.85 8.16 21.61
C ASN B 310 2.19 9.60 21.96
N GLU B 311 2.68 10.41 21.02
CA GLU B 311 3.02 11.74 21.47
C GLU B 311 1.81 12.68 21.36
N PRO B 312 1.83 13.81 22.06
CA PRO B 312 0.73 14.75 21.94
C PRO B 312 0.55 15.24 20.51
N PRO B 313 -0.68 15.52 20.10
CA PRO B 313 -0.94 15.94 18.72
C PRO B 313 -0.31 17.29 18.42
N PRO B 314 -0.02 17.57 17.15
CA PRO B 314 0.48 18.90 16.78
C PRO B 314 -0.51 19.99 17.13
N LYS B 315 0.02 21.20 17.33
CA LYS B 315 -0.82 22.35 17.62
C LYS B 315 -0.27 23.52 16.80
N LEU B 316 -1.13 24.49 16.53
CA LEU B 316 -0.74 25.71 15.84
C LEU B 316 0.00 26.66 16.78
N PRO B 317 0.94 27.44 16.24
CA PRO B 317 1.53 28.51 17.05
C PRO B 317 0.47 29.49 17.51
N SER B 318 0.69 30.04 18.71
CA SER B 318 -0.37 30.75 19.41
C SER B 318 -0.34 32.25 19.13
N ALA B 319 0.69 32.73 18.43
CA ALA B 319 0.83 34.14 18.10
C ALA B 319 -0.01 34.52 16.88
N VAL B 320 0.09 33.75 15.80
CA VAL B 320 -0.21 34.26 14.46
C VAL B 320 -1.58 33.77 13.98
N PHE B 321 -2.33 33.09 14.83
CA PHE B 321 -3.61 32.52 14.42
C PHE B 321 -4.66 32.78 15.49
N SER B 322 -5.90 32.97 15.04
CA SER B 322 -7.00 33.28 15.93
C SER B 322 -7.24 32.14 16.91
N LEU B 323 -7.86 32.47 18.05
CA LEU B 323 -8.21 31.44 19.02
C LEU B 323 -9.23 30.47 18.45
N GLU B 324 -10.15 30.96 17.62
CA GLU B 324 -11.15 30.09 17.01
C GLU B 324 -10.48 29.03 16.13
N PHE B 325 -9.51 29.44 15.33
CA PHE B 325 -8.82 28.49 14.45
C PHE B 325 -8.02 27.47 15.26
N GLN B 326 -7.29 27.94 16.28
CA GLN B 326 -6.51 27.01 17.10
C GLN B 326 -7.40 26.01 17.81
N ASP B 327 -8.51 26.49 18.39
CA ASP B 327 -9.43 25.58 19.06
C ASP B 327 -10.06 24.61 18.08
N PHE B 328 -10.34 25.07 16.85
CA PHE B 328 -10.92 24.20 15.84
C PHE B 328 -10.02 23.01 15.54
N VAL B 329 -8.77 23.26 15.17
CA VAL B 329 -7.85 22.17 14.88
C VAL B 329 -7.63 21.30 16.12
N ASN B 330 -7.50 21.93 17.29
CA ASN B 330 -7.34 21.16 18.53
C ASN B 330 -8.49 20.18 18.74
N LYS B 331 -9.72 20.61 18.51
CA LYS B 331 -10.86 19.69 18.64
C LYS B 331 -10.81 18.59 17.59
N CYS B 332 -10.24 18.87 16.42
CA CYS B 332 -10.12 17.85 15.38
C CYS B 332 -9.05 16.81 15.73
N LEU B 333 -8.02 17.21 16.48
CA LEU B 333 -6.85 16.36 16.70
C LEU B 333 -6.82 15.75 18.11
N ILE B 334 -7.94 15.77 18.83
CA ILE B 334 -8.04 15.00 20.06
C ILE B 334 -7.86 13.52 19.75
N LYS B 335 -6.96 12.86 20.49
CA LYS B 335 -6.62 11.48 20.14
C LYS B 335 -7.74 10.51 20.44
N ASN B 336 -8.46 10.72 21.54
CA ASN B 336 -9.61 9.89 21.87
C ASN B 336 -10.78 10.25 20.96
N PRO B 337 -11.17 9.37 20.03
CA PRO B 337 -12.22 9.75 19.05
C PRO B 337 -13.57 10.03 19.70
N ALA B 338 -13.83 9.51 20.89
CA ALA B 338 -15.07 9.85 21.59
C ALA B 338 -15.06 11.31 22.05
N GLU B 339 -13.90 11.87 22.31
CA GLU B 339 -13.81 13.27 22.72
C GLU B 339 -13.55 14.20 21.56
N ARG B 340 -12.98 13.68 20.47
CA ARG B 340 -12.81 14.45 19.25
C ARG B 340 -14.15 14.99 18.77
N ALA B 341 -14.14 16.22 18.26
CA ALA B 341 -15.35 16.80 17.72
C ALA B 341 -15.94 15.90 16.63
N ASP B 342 -17.26 15.89 16.53
CA ASP B 342 -17.95 15.25 15.43
C ASP B 342 -18.41 16.29 14.42
N LEU B 343 -18.95 15.79 13.30
CA LEU B 343 -19.31 16.69 12.20
C LEU B 343 -20.30 17.76 12.65
N LYS B 344 -21.31 17.39 13.45
CA LYS B 344 -22.30 18.35 13.89
C LYS B 344 -21.68 19.40 14.80
N GLN B 345 -20.76 19.00 15.68
CA GLN B 345 -20.14 19.99 16.57
C GLN B 345 -19.27 20.94 15.77
N LEU B 346 -18.56 20.43 14.77
CA LEU B 346 -17.76 21.31 13.94
C LEU B 346 -18.67 22.32 13.25
N MET B 347 -19.83 21.88 12.76
CA MET B 347 -20.78 22.79 12.13
C MET B 347 -21.16 23.97 13.02
N VAL B 348 -21.03 23.81 14.34
CA VAL B 348 -21.48 24.82 15.29
C VAL B 348 -20.30 25.56 15.92
N HIS B 349 -19.07 25.17 15.60
CA HIS B 349 -17.90 25.83 16.15
C HIS B 349 -17.82 27.29 15.69
N ALA B 350 -17.33 28.14 16.59
CA ALA B 350 -17.20 29.57 16.33
C ALA B 350 -16.37 29.85 15.08
N PHE B 351 -15.29 29.10 14.87
CA PHE B 351 -14.43 29.33 13.71
C PHE B 351 -15.17 29.20 12.38
N ILE B 352 -15.98 28.18 12.20
CA ILE B 352 -16.58 28.07 10.89
C ILE B 352 -17.74 29.05 10.72
N LYS B 353 -18.57 29.23 11.75
CA LYS B 353 -19.65 30.22 11.65
C LYS B 353 -19.09 31.59 11.32
N ARG B 354 -17.97 31.94 11.95
CA ARG B 354 -17.31 33.21 11.63
C ARG B 354 -16.81 33.22 10.19
N SER B 355 -16.12 32.15 9.78
CA SER B 355 -15.59 32.06 8.43
C SER B 355 -16.69 32.15 7.39
N ASP B 356 -17.83 31.50 7.64
CA ASP B 356 -18.90 31.45 6.65
C ASP B 356 -19.40 32.84 6.30
N ALA B 357 -19.51 33.71 7.30
CA ALA B 357 -19.93 35.10 7.09
C ALA B 357 -18.77 36.03 6.71
N GLU B 358 -17.96 35.65 5.72
CA GLU B 358 -16.83 36.46 5.31
C GLU B 358 -16.80 36.59 3.80
N GLU B 359 -16.34 37.76 3.35
CA GLU B 359 -16.22 38.11 1.94
C GLU B 359 -14.79 37.86 1.46
N VAL B 360 -14.54 36.68 0.90
CA VAL B 360 -13.23 36.35 0.36
C VAL B 360 -13.43 35.85 -1.08
N ASP B 361 -12.73 36.49 -2.01
CA ASP B 361 -12.66 36.06 -3.41
C ASP B 361 -11.71 34.87 -3.57
N PHE B 362 -12.24 33.67 -3.36
CA PHE B 362 -11.37 32.50 -3.37
C PHE B 362 -10.79 32.25 -4.76
N ALA B 363 -11.60 32.39 -5.80
CA ALA B 363 -11.09 32.31 -7.17
C ALA B 363 -9.95 33.28 -7.39
N GLY B 364 -10.14 34.54 -6.97
CA GLY B 364 -9.10 35.54 -7.14
C GLY B 364 -7.81 35.19 -6.41
N TRP B 365 -7.93 34.70 -5.18
CA TRP B 365 -6.76 34.26 -4.43
C TRP B 365 -6.02 33.16 -5.18
N LEU B 366 -6.78 32.17 -5.66
CA LEU B 366 -6.19 31.01 -6.32
C LEU B 366 -5.49 31.40 -7.61
N CYS B 367 -6.23 32.08 -8.49
CA CYS B 367 -5.71 32.45 -9.81
C CYS B 367 -4.48 33.34 -9.67
N SER B 368 -4.49 34.29 -8.75
CA SER B 368 -3.36 35.20 -8.62
C SER B 368 -2.13 34.50 -8.03
N THR B 369 -2.30 33.53 -7.12
CA THR B 369 -1.10 32.86 -6.64
C THR B 369 -0.61 31.77 -7.59
N ILE B 370 -1.51 31.14 -8.35
CA ILE B 370 -1.11 30.04 -9.22
C ILE B 370 -0.74 30.56 -10.62
N GLY B 371 -1.54 31.51 -11.11
CA GLY B 371 -1.32 32.15 -12.41
C GLY B 371 -2.28 31.84 -13.54
N LEU B 372 -3.58 31.99 -13.28
CA LEU B 372 -4.62 31.87 -14.32
C LEU B 372 -5.42 33.17 -14.41
PB ADP C . 6.34 -13.98 -6.71
O1B ADP C . 7.09 -14.48 -5.50
O2B ADP C . 5.38 -14.98 -7.29
O3B ADP C . 5.82 -12.56 -6.55
PA ADP C . 8.43 -15.02 -8.27
O1A ADP C . 9.61 -14.48 -9.04
O2A ADP C . 8.61 -15.97 -7.11
O3A ADP C . 7.44 -13.82 -7.88
O5' ADP C . 7.51 -15.81 -9.31
C5' ADP C . 7.41 -15.45 -10.69
C4' ADP C . 6.45 -16.45 -11.31
O4' ADP C . 7.18 -17.59 -11.76
C3' ADP C . 5.42 -16.96 -10.31
O3' ADP C . 4.14 -17.02 -10.93
C2' ADP C . 5.86 -18.37 -9.95
O2' ADP C . 4.74 -19.24 -9.76
C1' ADP C . 6.68 -18.79 -11.17
N9 ADP C . 7.80 -19.69 -10.79
C8 ADP C . 8.93 -19.35 -10.15
N7 ADP C . 9.73 -20.44 -9.97
C5 ADP C . 9.09 -21.49 -10.51
C6 ADP C . 9.36 -22.94 -10.66
N6 ADP C . 10.50 -23.51 -10.20
N1 ADP C . 8.43 -23.70 -11.29
C2 ADP C . 7.28 -23.17 -11.75
N3 ADP C . 6.97 -21.86 -11.64
C4 ADP C . 7.82 -21.00 -11.03
MG MG D . 9.83 -15.96 -5.46
PB ADP E . -3.08 10.92 -4.39
O1B ADP E . -1.70 11.47 -4.70
O2B ADP E . -3.10 9.92 -3.25
O3B ADP E . -4.16 11.96 -4.33
PA ADP E . -3.91 10.70 -7.08
O1A ADP E . -3.91 9.62 -8.14
O2A ADP E . -5.14 11.52 -6.82
O3A ADP E . -3.44 10.04 -5.69
O5' ADP E . -2.72 11.73 -7.42
C5' ADP E . -2.89 13.12 -7.12
C4' ADP E . -2.49 13.99 -8.30
O4' ADP E . -3.52 13.89 -9.29
C3' ADP E . -2.43 15.45 -7.88
O3' ADP E . -1.27 16.05 -8.48
C2' ADP E . -3.67 16.09 -8.46
O2' ADP E . -3.39 17.40 -8.94
C1' ADP E . -4.06 15.17 -9.61
N9 ADP E . -5.53 15.06 -9.77
C8 ADP E . -6.27 13.98 -9.46
N7 ADP E . -7.58 14.19 -9.74
C5 ADP E . -7.69 15.42 -10.27
C6 ADP E . -8.79 16.28 -10.79
N6 ADP E . -10.06 15.84 -10.80
N1 ADP E . -8.46 17.51 -11.24
C2 ADP E . -7.20 17.96 -11.22
N3 ADP E . -6.15 17.25 -10.77
C4 ADP E . -6.34 15.99 -10.28
#